data_9UBI
#
_entry.id   9UBI
#
_cell.length_a   61.794
_cell.length_b   83.114
_cell.length_c   61.993
_cell.angle_alpha   90.000
_cell.angle_beta   93.376
_cell.angle_gamma   90.000
#
_symmetry.space_group_name_H-M   'P 1 21 1'
#
loop_
_entity.id
_entity.type
_entity.pdbx_description
1 polymer 'Receptor-like protein kinase FERONIA'
2 non-polymer 1-[6-(3,5-dichloro-4-hydroxyphenyl)-4-({trans-4-[(dimethylamino)methyl]cyclohexyl}amino)-1,5-naphthyridin-3-yl]ethanone
3 water water
#
_entity_poly.entity_id   1
_entity_poly.type   'polypeptide(L)'
_entity_poly.pdbx_seq_one_letter_code
;MGSSHHHHHHSSGLEVLFQGPEASSNLCRHFSFAEIKAATKNFDESRVLGVGGFGKVYRGEIDGGTTKVAIKRGNPMSEQ
GVHEFQTEIEMLSKLRHRHLVSLIGYCEENCEMILVYDYMAHGTMREHLYKTQNPSLPWKQRLEICIGAARGLHYLHTGA
KHTIIHRDVKTTNILLDEKWVAKVSDFGLSKTGPTLDHTHVSTVVKGSFGYLDPEYFRRQQLTEKSDVYSFGVVLFEALC
ARPALNPTLAKEQVSLAEWAPYCYKKGMLDQIVDPYLKGKITPECFKKFAETAMKCVLDQGIERPSMGDVLWNLEFALQL
QESAEEN
;
_entity_poly.pdbx_strand_id   B,A
#
# COMPACT_ATOMS: atom_id res chain seq x y z
N CYS A 28 -6.32 12.41 15.32
CA CYS A 28 -5.03 13.08 15.38
C CYS A 28 -4.91 13.83 16.71
N ARG A 29 -3.85 13.49 17.45
CA ARG A 29 -3.70 13.90 18.84
C ARG A 29 -3.33 15.38 18.98
N HIS A 30 -3.92 16.03 19.98
CA HIS A 30 -3.75 17.46 20.20
C HIS A 30 -2.83 17.65 21.40
N PHE A 31 -1.73 18.37 21.21
CA PHE A 31 -0.85 18.70 22.32
C PHE A 31 -1.04 20.15 22.75
N SER A 32 -0.88 20.40 24.03
CA SER A 32 -0.83 21.77 24.51
C SER A 32 0.57 22.34 24.30
N PHE A 33 0.67 23.66 24.32
CA PHE A 33 1.99 24.28 24.26
C PHE A 33 2.87 23.82 25.41
N ALA A 34 2.29 23.68 26.60
CA ALA A 34 3.08 23.25 27.76
C ALA A 34 3.64 21.85 27.56
N GLU A 35 2.88 20.96 26.92
CA GLU A 35 3.38 19.61 26.66
C GLU A 35 4.57 19.65 25.69
N ILE A 36 4.50 20.50 24.67
CA ILE A 36 5.60 20.59 23.72
C ILE A 36 6.83 21.19 24.39
N LYS A 37 6.62 22.29 25.14
CA LYS A 37 7.71 22.91 25.88
C LYS A 37 8.38 21.91 26.80
N ALA A 38 7.58 21.09 27.49
CA ALA A 38 8.14 20.05 28.34
C ALA A 38 8.92 19.03 27.53
N ALA A 39 8.34 18.57 26.42
CA ALA A 39 8.97 17.54 25.62
C ALA A 39 10.32 17.99 25.06
N THR A 40 10.48 19.29 24.79
CA THR A 40 11.70 19.80 24.18
C THR A 40 12.65 20.44 25.18
N LYS A 41 12.34 20.38 26.47
CA LYS A 41 13.12 21.06 27.49
C LYS A 41 13.17 22.56 27.21
N ASN A 42 11.98 23.13 26.96
CA ASN A 42 11.82 24.55 26.66
C ASN A 42 12.61 24.94 25.40
N PHE A 43 12.47 24.13 24.35
CA PHE A 43 13.10 24.40 23.06
C PHE A 43 14.59 24.72 23.21
N ASP A 44 15.26 23.89 24.00
CA ASP A 44 16.69 24.06 24.25
C ASP A 44 17.49 23.91 22.96
N GLU A 45 18.57 24.69 22.87
CA GLU A 45 19.39 24.66 21.66
C GLU A 45 20.06 23.31 21.46
N SER A 46 20.33 22.57 22.54
CA SER A 46 20.96 21.27 22.42
C SER A 46 20.01 20.19 21.90
N ARG A 47 18.72 20.48 21.81
CA ARG A 47 17.75 19.56 21.21
C ARG A 47 17.50 19.86 19.74
N VAL A 48 18.03 20.96 19.21
CA VAL A 48 17.76 21.32 17.82
C VAL A 48 18.37 20.27 16.91
N LEU A 49 17.56 19.76 15.98
CA LEU A 49 18.03 18.83 14.97
C LEU A 49 18.28 19.49 13.62
N GLY A 50 17.72 20.66 13.39
CA GLY A 50 17.84 21.34 12.12
C GLY A 50 16.69 22.32 11.96
N VAL A 51 16.51 22.78 10.72
CA VAL A 51 15.44 23.73 10.41
C VAL A 51 14.57 23.16 9.30
N GLY A 52 13.25 23.23 9.49
CA GLY A 52 12.30 22.98 8.44
C GLY A 52 12.07 24.23 7.63
N GLY A 53 10.98 24.22 6.87
CA GLY A 53 10.70 25.34 5.99
C GLY A 53 10.38 26.62 6.73
N PHE A 54 9.70 26.50 7.86
CA PHE A 54 9.20 27.69 8.56
C PHE A 54 9.54 27.65 10.05
N GLY A 55 10.58 26.92 10.42
CA GLY A 55 11.01 26.91 11.82
C GLY A 55 11.99 25.78 12.07
N LYS A 56 12.16 25.46 13.35
CA LYS A 56 13.20 24.54 13.81
C LYS A 56 12.62 23.19 14.22
N VAL A 57 13.46 22.16 14.20
CA VAL A 57 13.09 20.80 14.55
C VAL A 57 13.90 20.37 15.77
N TYR A 58 13.22 19.82 16.77
CA TYR A 58 13.79 19.43 18.06
C TYR A 58 13.57 17.95 18.36
N ARG A 59 14.57 17.34 19.00
CA ARG A 59 14.38 16.05 19.62
C ARG A 59 13.61 16.21 20.92
N GLY A 60 12.60 15.37 21.13
CA GLY A 60 11.83 15.44 22.35
C GLY A 60 11.39 14.06 22.78
N GLU A 61 10.77 14.00 23.94
CA GLU A 61 10.14 12.78 24.44
C GLU A 61 8.79 13.12 25.02
N ILE A 62 7.82 12.22 24.82
CA ILE A 62 6.48 12.38 25.36
C ILE A 62 6.07 11.10 26.07
N ASP A 63 4.96 11.22 26.82
CA ASP A 63 4.31 10.13 27.54
C ASP A 63 5.27 9.50 28.55
N GLY A 64 5.70 10.34 29.50
CA GLY A 64 6.61 9.88 30.53
C GLY A 64 7.97 9.49 30.01
N GLY A 65 8.44 10.15 28.96
CA GLY A 65 9.72 9.80 28.37
C GLY A 65 9.75 8.44 27.72
N THR A 66 8.60 7.82 27.47
CA THR A 66 8.58 6.52 26.80
C THR A 66 8.69 6.64 25.29
N THR A 67 8.34 7.79 24.70
CA THR A 67 8.30 7.91 23.25
C THR A 67 9.22 9.03 22.78
N LYS A 68 10.23 8.68 21.98
CA LYS A 68 11.03 9.69 21.30
C LYS A 68 10.23 10.28 20.14
N VAL A 69 10.33 11.60 19.97
CA VAL A 69 9.61 12.31 18.94
C VAL A 69 10.53 13.36 18.34
N ALA A 70 10.18 13.79 17.14
CA ALA A 70 10.72 15.00 16.54
C ALA A 70 9.62 16.03 16.46
N ILE A 71 9.95 17.28 16.76
CA ILE A 71 8.95 18.33 16.89
C ILE A 71 9.36 19.49 16.01
N LYS A 72 8.52 19.85 15.04
CA LYS A 72 8.77 20.95 14.12
C LYS A 72 7.94 22.15 14.54
N ARG A 73 8.63 23.25 14.82
CA ARG A 73 8.02 24.50 15.22
C ARG A 73 8.05 25.44 14.03
N GLY A 74 6.84 25.80 13.54
CA GLY A 74 6.67 26.58 12.33
C GLY A 74 6.37 28.05 12.58
N ASN A 75 5.76 28.69 11.58
CA ASN A 75 5.61 30.14 11.51
C ASN A 75 4.17 30.51 11.12
N PRO A 76 3.31 30.83 12.08
CA PRO A 76 1.92 31.17 11.73
C PRO A 76 1.77 32.50 10.99
N MET A 77 2.80 33.33 10.95
CA MET A 77 2.73 34.59 10.22
C MET A 77 3.06 34.44 8.75
N SER A 78 3.31 33.21 8.29
CA SER A 78 3.53 32.92 6.88
C SER A 78 2.25 32.32 6.30
N GLU A 79 1.75 32.94 5.23
CA GLU A 79 0.61 32.38 4.52
C GLU A 79 0.91 30.98 3.99
N GLN A 80 2.08 30.81 3.37
CA GLN A 80 2.48 29.50 2.87
C GLN A 80 2.76 28.54 4.01
N GLY A 81 3.36 29.02 5.12
CA GLY A 81 3.61 28.15 6.26
C GLY A 81 2.34 27.60 6.85
N VAL A 82 1.31 28.45 6.96
CA VAL A 82 -0.01 28.01 7.42
C VAL A 82 -0.58 26.97 6.46
N HIS A 83 -0.50 27.24 5.15
CA HIS A 83 -1.07 26.31 4.19
C HIS A 83 -0.38 24.95 4.27
N GLU A 84 0.94 24.94 4.40
CA GLU A 84 1.65 23.66 4.47
C GLU A 84 1.39 22.93 5.79
N PHE A 85 1.31 23.67 6.90
CA PHE A 85 0.88 23.08 8.18
C PHE A 85 -0.46 22.36 8.05
N GLN A 86 -1.46 23.07 7.55
CA GLN A 86 -2.78 22.45 7.43
C GLN A 86 -2.78 21.30 6.44
N THR A 87 -1.96 21.38 5.38
CA THR A 87 -1.91 20.30 4.41
C THR A 87 -1.29 19.04 5.02
N GLU A 88 -0.20 19.18 5.77
CA GLU A 88 0.35 18.01 6.46
C GLU A 88 -0.68 17.37 7.36
N ILE A 89 -1.40 18.18 8.15
CA ILE A 89 -2.37 17.57 9.07
C ILE A 89 -3.50 16.90 8.29
N GLU A 90 -3.97 17.54 7.22
CA GLU A 90 -5.07 16.95 6.45
C GLU A 90 -4.65 15.63 5.83
N MET A 91 -3.41 15.54 5.34
CA MET A 91 -2.92 14.33 4.70
C MET A 91 -2.66 13.23 5.72
N LEU A 92 -1.77 13.49 6.68
CA LEU A 92 -1.22 12.45 7.54
C LEU A 92 -2.21 11.99 8.61
N SER A 93 -3.24 12.77 8.90
CA SER A 93 -4.23 12.28 9.86
C SER A 93 -5.10 11.17 9.28
N LYS A 94 -5.08 10.93 7.97
CA LYS A 94 -5.86 9.85 7.38
C LYS A 94 -5.02 8.73 6.75
N LEU A 95 -3.70 8.88 6.66
CA LEU A 95 -2.86 7.84 6.07
C LEU A 95 -2.21 6.99 7.16
N ARG A 96 -1.94 5.73 6.82
CA ARG A 96 -1.27 4.79 7.73
C ARG A 96 -0.43 3.87 6.84
N HIS A 97 0.88 3.99 6.90
CA HIS A 97 1.75 3.11 6.11
C HIS A 97 3.14 3.07 6.75
N ARG A 98 3.70 1.84 6.79
CA ARG A 98 5.02 1.59 7.34
C ARG A 98 6.09 2.52 6.79
N HIS A 99 5.97 2.93 5.52
CA HIS A 99 7.03 3.70 4.86
C HIS A 99 6.65 5.17 4.70
N LEU A 100 5.81 5.68 5.59
CA LEU A 100 5.55 7.10 5.76
C LEU A 100 5.86 7.47 7.21
N VAL A 101 6.54 8.61 7.40
CA VAL A 101 6.75 9.12 8.76
C VAL A 101 5.39 9.41 9.38
N SER A 102 5.17 8.91 10.61
CA SER A 102 3.88 9.11 11.26
C SER A 102 3.80 10.49 11.90
N LEU A 103 2.66 11.14 11.70
CA LEU A 103 2.28 12.35 12.43
C LEU A 103 1.61 11.91 13.72
N ILE A 104 2.29 12.09 14.85
CA ILE A 104 1.69 11.76 16.14
C ILE A 104 0.64 12.79 16.54
N GLY A 105 0.91 14.07 16.30
CA GLY A 105 -0.07 15.09 16.64
C GLY A 105 0.41 16.47 16.24
N TYR A 106 -0.30 17.48 16.74
CA TYR A 106 0.07 18.86 16.45
C TYR A 106 -0.33 19.75 17.62
N CYS A 107 0.20 20.97 17.61
CA CYS A 107 -0.16 21.99 18.58
C CYS A 107 -0.38 23.30 17.84
N GLU A 108 -1.52 23.94 18.08
CA GLU A 108 -1.87 25.19 17.43
C GLU A 108 -2.16 26.32 18.42
N GLU A 109 -1.83 26.11 19.69
CA GLU A 109 -2.03 27.06 20.77
C GLU A 109 -1.00 28.19 20.68
N ASN A 110 -1.31 29.31 21.34
CA ASN A 110 -0.32 30.35 21.62
C ASN A 110 0.27 30.93 20.34
N CYS A 111 -0.54 30.97 19.27
CA CYS A 111 -0.09 31.33 17.93
C CYS A 111 1.17 30.57 17.55
N GLU A 112 1.08 29.25 17.66
CA GLU A 112 2.12 28.33 17.24
C GLU A 112 1.53 27.36 16.23
N MET A 113 2.38 26.82 15.36
CA MET A 113 1.98 25.74 14.45
C MET A 113 3.09 24.70 14.57
N ILE A 114 2.85 23.72 15.43
CA ILE A 114 3.85 22.71 15.79
C ILE A 114 3.34 21.34 15.37
N LEU A 115 4.23 20.56 14.77
CA LEU A 115 3.91 19.20 14.35
C LEU A 115 4.83 18.22 15.10
N VAL A 116 4.28 17.08 15.49
CA VAL A 116 4.99 16.07 16.27
C VAL A 116 5.04 14.79 15.45
N TYR A 117 6.23 14.26 15.23
CA TYR A 117 6.46 13.08 14.39
C TYR A 117 7.17 12.01 15.20
N ASP A 118 7.03 10.76 14.75
CA ASP A 118 7.93 9.72 15.21
C ASP A 118 9.39 10.10 14.92
N TYR A 119 10.26 9.65 15.81
CA TYR A 119 11.67 9.97 15.72
C TYR A 119 12.34 9.03 14.72
N MET A 120 13.07 9.61 13.76
CA MET A 120 13.81 8.90 12.71
C MET A 120 15.30 8.96 13.07
N ALA A 121 15.76 7.96 13.82
CA ALA A 121 17.05 8.08 14.49
C ALA A 121 18.22 8.32 13.54
N HIS A 122 18.13 7.85 12.29
CA HIS A 122 19.26 8.02 11.37
C HIS A 122 19.08 9.18 10.38
N GLY A 123 18.12 10.07 10.61
CA GLY A 123 18.08 11.30 9.84
C GLY A 123 17.70 11.06 8.38
N THR A 124 18.28 11.86 7.48
CA THR A 124 17.89 11.85 6.07
C THR A 124 18.69 10.81 5.30
N MET A 125 18.08 10.30 4.21
CA MET A 125 18.84 9.54 3.22
C MET A 125 20.10 10.32 2.83
N ARG A 126 19.90 11.60 2.50
CA ARG A 126 20.97 12.39 1.88
C ARG A 126 22.23 12.40 2.74
N GLU A 127 22.08 12.51 4.07
CA GLU A 127 23.27 12.64 4.91
C GLU A 127 24.06 11.34 5.03
N HIS A 128 23.54 10.23 4.52
CA HIS A 128 24.31 9.00 4.46
C HIS A 128 24.85 8.73 3.06
N LEU A 129 24.66 9.65 2.12
CA LEU A 129 25.14 9.50 0.76
C LEU A 129 26.35 10.38 0.44
N TYR A 130 26.37 11.62 0.89
CA TYR A 130 27.46 12.52 0.51
C TYR A 130 27.46 13.75 1.39
N LYS A 131 28.58 14.51 1.32
CA LYS A 131 28.74 15.77 2.03
C LYS A 131 28.61 15.56 3.54
N THR A 132 29.16 14.46 4.01
CA THR A 132 28.90 13.92 5.33
C THR A 132 30.14 13.21 5.85
N GLN A 133 30.23 13.10 7.17
CA GLN A 133 31.22 12.22 7.77
C GLN A 133 30.66 10.83 8.05
N ASN A 134 29.37 10.62 7.79
CA ASN A 134 28.78 9.32 7.99
C ASN A 134 29.44 8.32 7.04
N PRO A 135 29.58 7.06 7.44
CA PRO A 135 30.16 6.06 6.54
C PRO A 135 29.21 5.74 5.40
N SER A 136 29.81 5.26 4.31
CA SER A 136 29.06 4.86 3.13
C SER A 136 28.12 3.70 3.44
N LEU A 137 27.00 3.65 2.73
CA LEU A 137 26.06 2.56 2.96
C LEU A 137 26.35 1.40 2.01
N PRO A 138 26.31 0.15 2.49
CA PRO A 138 26.46 -0.98 1.57
C PRO A 138 25.34 -0.98 0.54
N TRP A 139 25.62 -1.60 -0.60
CA TRP A 139 24.69 -1.53 -1.72
C TRP A 139 23.34 -2.14 -1.38
N LYS A 140 23.33 -3.30 -0.70
CA LYS A 140 22.05 -3.93 -0.38
C LYS A 140 21.21 -3.02 0.51
N GLN A 141 21.85 -2.32 1.44
CA GLN A 141 21.12 -1.40 2.32
C GLN A 141 20.56 -0.23 1.51
N ARG A 142 21.33 0.28 0.55
CA ARG A 142 20.82 1.36 -0.30
C ARG A 142 19.61 0.91 -1.11
N LEU A 143 19.69 -0.29 -1.68
CA LEU A 143 18.56 -0.83 -2.43
C LEU A 143 17.33 -1.01 -1.54
N GLU A 144 17.53 -1.53 -0.33
CA GLU A 144 16.39 -1.69 0.59
C GLU A 144 15.80 -0.33 0.97
N ILE A 145 16.62 0.71 1.10
CA ILE A 145 16.10 2.04 1.37
C ILE A 145 15.26 2.54 0.18
N CYS A 146 15.77 2.37 -1.04
CA CYS A 146 14.99 2.75 -2.22
C CYS A 146 13.69 1.96 -2.31
N ILE A 147 13.72 0.68 -1.97
CA ILE A 147 12.49 -0.11 -2.01
C ILE A 147 11.48 0.40 -0.99
N GLY A 148 11.95 0.69 0.22
CA GLY A 148 11.04 1.22 1.24
C GLY A 148 10.39 2.53 0.81
N ALA A 149 11.20 3.44 0.23
CA ALA A 149 10.64 4.70 -0.22
C ALA A 149 9.63 4.47 -1.34
N ALA A 150 9.96 3.58 -2.29
CA ALA A 150 9.03 3.26 -3.37
C ALA A 150 7.72 2.68 -2.83
N ARG A 151 7.78 1.86 -1.77
CA ARG A 151 6.55 1.32 -1.20
C ARG A 151 5.68 2.44 -0.64
N GLY A 152 6.32 3.42 0.03
CA GLY A 152 5.57 4.56 0.54
C GLY A 152 4.91 5.37 -0.58
N LEU A 153 5.68 5.64 -1.64
CA LEU A 153 5.13 6.42 -2.76
C LEU A 153 4.03 5.64 -3.49
N HIS A 154 4.22 4.33 -3.68
CA HIS A 154 3.19 3.49 -4.28
C HIS A 154 1.89 3.56 -3.49
N TYR A 155 2.00 3.52 -2.15
CA TYR A 155 0.82 3.71 -1.30
C TYR A 155 0.15 5.06 -1.57
N LEU A 156 0.94 6.14 -1.61
CA LEU A 156 0.36 7.44 -1.94
C LEU A 156 -0.40 7.41 -3.27
N HIS A 157 0.14 6.74 -4.28
CA HIS A 157 -0.50 6.80 -5.59
C HIS A 157 -1.67 5.84 -5.72
N THR A 158 -1.74 4.78 -4.91
CA THR A 158 -2.78 3.76 -5.12
C THR A 158 -3.58 3.39 -3.87
N GLY A 159 -3.21 3.87 -2.69
CA GLY A 159 -3.81 3.36 -1.45
C GLY A 159 -4.76 4.29 -0.73
N ALA A 160 -4.84 5.53 -1.21
CA ALA A 160 -5.79 6.47 -0.63
C ALA A 160 -7.02 6.60 -1.52
N LYS A 161 -7.99 7.32 -0.96
CA LYS A 161 -9.26 7.60 -1.62
C LYS A 161 -9.01 8.09 -3.02
N HIS A 162 -8.12 9.08 -3.14
CA HIS A 162 -7.73 9.65 -4.41
C HIS A 162 -6.21 9.55 -4.49
N THR A 163 -5.70 9.60 -5.72
CA THR A 163 -4.26 9.71 -5.89
C THR A 163 -3.73 10.90 -5.09
N ILE A 164 -2.66 10.66 -4.33
CA ILE A 164 -1.94 11.73 -3.64
C ILE A 164 -0.61 11.94 -4.34
N ILE A 165 -0.36 13.16 -4.78
CA ILE A 165 0.92 13.49 -5.41
C ILE A 165 1.76 14.23 -4.38
N HIS A 166 2.93 13.68 -4.05
CA HIS A 166 3.74 14.25 -2.99
C HIS A 166 4.24 15.63 -3.37
N ARG A 167 4.73 15.78 -4.61
CA ARG A 167 5.22 17.00 -5.28
C ARG A 167 6.63 17.39 -4.86
N ASP A 168 7.23 16.75 -3.85
CA ASP A 168 8.55 17.20 -3.38
C ASP A 168 9.39 16.01 -2.92
N VAL A 169 9.42 14.94 -3.72
CA VAL A 169 10.26 13.79 -3.40
C VAL A 169 11.73 14.16 -3.57
N LYS A 170 12.54 13.88 -2.55
CA LYS A 170 13.98 14.14 -2.63
C LYS A 170 14.66 13.42 -1.48
N THR A 171 16.00 13.40 -1.51
CA THR A 171 16.74 12.61 -0.53
C THR A 171 16.73 13.22 0.87
N THR A 172 16.30 14.47 1.02
CA THR A 172 16.11 15.00 2.36
C THR A 172 14.70 14.77 2.89
N ASN A 173 13.79 14.26 2.06
CA ASN A 173 12.42 13.94 2.43
C ASN A 173 12.21 12.44 2.54
N ILE A 174 13.29 11.67 2.56
CA ILE A 174 13.25 10.25 2.89
C ILE A 174 14.10 10.10 4.14
N LEU A 175 13.48 9.73 5.26
CA LEU A 175 14.12 9.63 6.56
C LEU A 175 14.31 8.17 6.93
N LEU A 176 15.26 7.92 7.83
CA LEU A 176 15.69 6.58 8.21
C LEU A 176 15.50 6.38 9.71
N ASP A 177 14.81 5.30 10.12
CA ASP A 177 14.62 5.11 11.56
C ASP A 177 15.79 4.31 12.11
N GLU A 178 15.70 3.92 13.39
CA GLU A 178 16.81 3.24 14.05
C GLU A 178 17.12 1.88 13.44
N LYS A 179 16.14 1.21 12.83
CA LYS A 179 16.33 -0.01 12.02
C LYS A 179 16.70 0.26 10.56
N TRP A 180 17.01 1.50 10.19
CA TRP A 180 17.30 1.88 8.80
C TRP A 180 16.11 1.71 7.86
N VAL A 181 14.88 1.70 8.39
CA VAL A 181 13.71 1.64 7.53
C VAL A 181 13.43 3.03 6.96
N ALA A 182 13.22 3.10 5.65
CA ALA A 182 13.05 4.37 4.96
C ALA A 182 11.59 4.77 4.96
N LYS A 183 11.34 6.06 5.20
CA LYS A 183 9.98 6.59 5.32
C LYS A 183 9.91 7.96 4.67
N VAL A 184 8.85 8.17 3.88
CA VAL A 184 8.65 9.44 3.19
C VAL A 184 8.10 10.47 4.16
N SER A 185 8.63 11.69 4.11
CA SER A 185 8.18 12.75 4.99
C SER A 185 7.80 13.98 4.15
N ASP A 186 7.33 15.01 4.84
CA ASP A 186 7.22 16.37 4.30
C ASP A 186 6.10 16.49 3.27
N PHE A 187 4.87 16.51 3.75
CA PHE A 187 3.68 16.54 2.91
C PHE A 187 3.11 17.92 2.71
N GLY A 188 3.86 18.96 3.07
CA GLY A 188 3.35 20.33 2.97
C GLY A 188 2.93 20.74 1.57
N LEU A 189 3.56 20.21 0.53
CA LEU A 189 3.23 20.58 -0.84
C LEU A 189 2.33 19.56 -1.55
N SER A 190 1.81 18.57 -0.83
CA SER A 190 1.06 17.50 -1.49
C SER A 190 -0.29 18.00 -1.99
N LYS A 191 -0.79 17.33 -3.04
CA LYS A 191 -2.08 17.58 -3.68
C LYS A 191 -2.77 16.25 -3.92
N THR A 192 -4.10 16.29 -3.98
CA THR A 192 -4.84 15.13 -4.48
C THR A 192 -5.13 15.26 -5.98
N GLY A 207 8.72 23.55 -5.10
CA GLY A 207 9.55 22.40 -5.45
C GLY A 207 11.02 22.58 -5.08
N SER A 208 11.86 21.64 -5.50
CA SER A 208 13.28 21.66 -5.20
C SER A 208 14.08 21.52 -6.50
N PHE A 209 15.00 22.46 -6.71
CA PHE A 209 15.89 22.40 -7.86
C PHE A 209 16.58 21.05 -7.96
N GLY A 210 16.62 20.53 -9.18
CA GLY A 210 17.20 19.22 -9.45
C GLY A 210 16.19 18.10 -9.47
N TYR A 211 15.03 18.28 -8.83
CA TYR A 211 13.99 17.26 -8.82
C TYR A 211 12.73 17.66 -9.57
N LEU A 212 12.66 18.91 -10.04
CA LEU A 212 11.46 19.43 -10.71
C LEU A 212 11.24 18.72 -12.04
N ASP A 213 10.00 18.29 -12.26
CA ASP A 213 9.65 17.63 -13.51
C ASP A 213 9.68 18.65 -14.65
N PRO A 214 10.57 18.50 -15.63
CA PRO A 214 10.61 19.52 -16.70
C PRO A 214 9.34 19.57 -17.48
N GLU A 215 8.62 18.45 -17.58
CA GLU A 215 7.40 18.43 -18.36
C GLU A 215 6.33 19.28 -17.72
N TYR A 216 6.42 19.55 -16.42
CA TYR A 216 5.41 20.38 -15.79
C TYR A 216 5.40 21.78 -16.36
N PHE A 217 6.57 22.40 -16.50
CA PHE A 217 6.67 23.74 -17.05
C PHE A 217 6.27 23.82 -18.52
N ARG A 218 5.95 22.70 -19.14
CA ARG A 218 5.58 22.66 -20.54
C ARG A 218 4.14 22.23 -20.76
N ARG A 219 3.68 21.20 -20.06
CA ARG A 219 2.34 20.68 -20.18
C ARG A 219 1.43 21.18 -19.07
N GLN A 220 2.01 21.57 -17.94
CA GLN A 220 1.28 22.15 -16.80
C GLN A 220 0.16 21.23 -16.31
N GLN A 221 0.43 19.93 -16.29
CA GLN A 221 -0.53 18.94 -15.82
C GLN A 221 -0.07 18.40 -14.47
N LEU A 222 -1.01 18.24 -13.56
CA LEU A 222 -0.75 17.59 -12.28
C LEU A 222 -0.82 16.08 -12.48
N THR A 223 0.30 15.39 -12.24
CA THR A 223 0.40 13.96 -12.48
C THR A 223 1.29 13.30 -11.44
N GLU A 224 0.90 12.11 -10.98
CA GLU A 224 1.78 11.35 -10.09
C GLU A 224 3.08 10.95 -10.80
N LYS A 225 3.11 11.01 -12.13
CA LYS A 225 4.36 10.74 -12.84
C LYS A 225 5.43 11.80 -12.53
N SER A 226 5.03 12.95 -11.99
CA SER A 226 6.04 13.91 -11.53
C SER A 226 6.79 13.37 -10.31
N ASP A 227 6.08 12.67 -9.41
CA ASP A 227 6.75 11.96 -8.31
C ASP A 227 7.68 10.89 -8.88
N VAL A 228 7.22 10.19 -9.92
CA VAL A 228 8.10 9.17 -10.50
C VAL A 228 9.40 9.83 -10.96
N TYR A 229 9.28 11.00 -11.59
CA TYR A 229 10.48 11.66 -12.09
C TYR A 229 11.41 12.01 -10.95
N SER A 230 10.86 12.63 -9.89
CA SER A 230 11.72 13.00 -8.78
C SER A 230 12.36 11.77 -8.15
N PHE A 231 11.62 10.66 -8.10
CA PHE A 231 12.17 9.46 -7.48
C PHE A 231 13.28 8.87 -8.35
N GLY A 232 13.19 9.03 -9.66
CA GLY A 232 14.29 8.61 -10.51
C GLY A 232 15.57 9.34 -10.15
N VAL A 233 15.47 10.64 -9.84
CA VAL A 233 16.65 11.39 -9.43
C VAL A 233 17.19 10.80 -8.14
N VAL A 234 16.29 10.47 -7.20
CA VAL A 234 16.72 9.84 -5.96
C VAL A 234 17.48 8.55 -6.24
N LEU A 235 16.99 7.76 -7.20
CA LEU A 235 17.70 6.52 -7.52
C LEU A 235 19.11 6.82 -7.99
N PHE A 236 19.26 7.83 -8.87
CA PHE A 236 20.61 8.13 -9.37
C PHE A 236 21.47 8.66 -8.23
N GLU A 237 20.86 9.36 -7.27
CA GLU A 237 21.63 9.84 -6.13
C GLU A 237 22.15 8.67 -5.32
N ALA A 238 21.31 7.64 -5.13
CA ALA A 238 21.77 6.50 -4.35
C ALA A 238 22.94 5.82 -5.05
N LEU A 239 22.96 5.86 -6.38
CA LEU A 239 23.98 5.15 -7.15
C LEU A 239 25.25 5.98 -7.29
N CYS A 240 25.11 7.28 -7.54
CA CYS A 240 26.24 8.15 -7.86
C CYS A 240 26.76 8.92 -6.65
N ALA A 241 25.98 9.02 -5.57
CA ALA A 241 26.38 9.73 -4.37
C ALA A 241 26.87 11.15 -4.68
N ARG A 242 26.04 11.90 -5.40
CA ARG A 242 26.29 13.30 -5.65
C ARG A 242 24.96 14.04 -5.69
N PRO A 243 24.95 15.35 -5.50
CA PRO A 243 23.67 16.09 -5.44
C PRO A 243 22.92 16.04 -6.76
N ALA A 244 21.60 16.22 -6.68
CA ALA A 244 20.77 16.24 -7.88
C ALA A 244 21.15 17.42 -8.78
N LEU A 245 21.63 18.50 -8.19
CA LEU A 245 21.98 19.70 -8.92
C LEU A 245 23.28 20.24 -8.35
N ASN A 246 24.32 20.35 -9.18
CA ASN A 246 25.57 20.99 -8.78
C ASN A 246 25.86 22.11 -9.77
N PRO A 247 25.55 23.35 -9.41
CA PRO A 247 25.67 24.46 -10.36
C PRO A 247 27.11 24.84 -10.70
N THR A 248 28.12 24.25 -10.05
CA THR A 248 29.51 24.60 -10.36
C THR A 248 30.09 23.78 -11.50
N LEU A 249 29.38 22.74 -11.93
CA LEU A 249 29.96 21.78 -12.85
C LEU A 249 29.83 22.24 -14.31
N ALA A 250 30.51 21.49 -15.18
CA ALA A 250 30.27 21.61 -16.60
C ALA A 250 28.78 21.50 -16.89
N LYS A 251 28.36 22.31 -17.86
CA LYS A 251 26.96 22.39 -18.26
C LYS A 251 26.23 21.05 -18.35
N GLU A 252 26.89 20.05 -18.97
CA GLU A 252 26.29 18.74 -19.18
C GLU A 252 26.13 17.97 -17.90
N GLN A 253 26.86 18.33 -16.84
CA GLN A 253 26.86 17.60 -15.59
C GLN A 253 26.02 18.23 -14.50
N VAL A 254 25.56 19.48 -14.70
CA VAL A 254 24.90 20.21 -13.61
C VAL A 254 23.73 19.42 -13.07
N SER A 255 22.87 18.91 -13.95
CA SER A 255 21.67 18.17 -13.54
C SER A 255 21.90 16.66 -13.61
N LEU A 256 21.83 15.99 -12.46
CA LEU A 256 22.01 14.53 -12.41
C LEU A 256 20.98 13.82 -13.29
N ALA A 257 19.76 14.37 -13.34
CA ALA A 257 18.70 13.77 -14.16
C ALA A 257 19.04 13.77 -15.64
N GLU A 258 19.86 14.72 -16.10
CA GLU A 258 20.31 14.72 -17.48
C GLU A 258 21.61 13.97 -17.67
N TRP A 259 22.54 14.15 -16.71
CA TRP A 259 23.89 13.60 -16.81
C TRP A 259 23.91 12.08 -16.73
N ALA A 260 23.21 11.50 -15.76
CA ALA A 260 23.30 10.04 -15.58
C ALA A 260 22.77 9.29 -16.79
N PRO A 261 21.60 9.61 -17.35
CA PRO A 261 21.17 8.90 -18.57
C PRO A 261 22.13 9.06 -19.74
N TYR A 262 22.64 10.27 -19.91
CA TYR A 262 23.64 10.52 -20.94
C TYR A 262 24.84 9.60 -20.77
N CYS A 263 25.33 9.45 -19.54
CA CYS A 263 26.45 8.55 -19.30
C CYS A 263 26.07 7.09 -19.58
N TYR A 264 24.89 6.67 -19.12
CA TYR A 264 24.50 5.26 -19.33
C TYR A 264 24.47 4.92 -20.81
N LYS A 265 23.89 5.81 -21.62
CA LYS A 265 23.78 5.52 -23.04
C LYS A 265 25.13 5.59 -23.75
N LYS A 266 26.09 6.33 -23.22
CA LYS A 266 27.45 6.33 -23.76
C LYS A 266 28.32 5.27 -23.12
N GLY A 267 27.73 4.36 -22.34
CA GLY A 267 28.49 3.26 -21.77
C GLY A 267 29.43 3.61 -20.65
N MET A 268 29.20 4.73 -19.96
CA MET A 268 30.12 5.18 -18.94
C MET A 268 29.42 5.57 -17.64
N LEU A 269 28.19 5.08 -17.42
CA LEU A 269 27.54 5.30 -16.12
C LEU A 269 28.41 4.77 -15.01
N ASP A 270 29.03 3.60 -15.24
CA ASP A 270 29.91 3.00 -14.26
C ASP A 270 31.04 3.94 -13.84
N GLN A 271 31.40 4.91 -14.68
CA GLN A 271 32.44 5.88 -14.34
C GLN A 271 31.98 6.99 -13.41
N ILE A 272 30.67 7.18 -13.21
CA ILE A 272 30.19 8.20 -12.27
C ILE A 272 29.49 7.57 -11.08
N VAL A 273 29.52 6.24 -10.96
CA VAL A 273 29.04 5.56 -9.77
C VAL A 273 29.88 5.97 -8.56
N ASP A 274 29.23 6.03 -7.39
CA ASP A 274 29.89 6.19 -6.09
C ASP A 274 31.13 5.30 -6.06
N PRO A 275 32.32 5.86 -5.79
CA PRO A 275 33.52 5.00 -5.70
C PRO A 275 33.38 3.84 -4.71
N TYR A 276 32.66 4.01 -3.60
CA TYR A 276 32.46 2.87 -2.71
C TYR A 276 31.75 1.72 -3.39
N LEU A 277 30.91 1.99 -4.39
CA LEU A 277 30.12 0.94 -4.99
C LEU A 277 30.81 0.27 -6.18
N LYS A 278 31.94 0.82 -6.64
CA LYS A 278 32.64 0.23 -7.78
C LYS A 278 32.94 -1.24 -7.50
N GLY A 279 32.50 -2.11 -8.41
CA GLY A 279 32.74 -3.53 -8.30
C GLY A 279 31.81 -4.28 -7.37
N LYS A 280 30.85 -3.60 -6.72
CA LYS A 280 30.00 -4.24 -5.74
C LYS A 280 28.58 -4.53 -6.25
N ILE A 281 28.26 -4.15 -7.47
CA ILE A 281 26.92 -4.33 -8.03
C ILE A 281 27.02 -5.36 -9.14
N THR A 282 26.19 -6.41 -9.09
CA THR A 282 26.26 -7.41 -10.14
C THR A 282 25.81 -6.81 -11.47
N PRO A 283 26.31 -7.31 -12.59
CA PRO A 283 25.92 -6.72 -13.89
C PRO A 283 24.42 -6.70 -14.13
N GLU A 284 23.71 -7.76 -13.76
CA GLU A 284 22.28 -7.78 -14.04
C GLU A 284 21.54 -6.83 -13.10
N CYS A 285 21.97 -6.75 -11.83
CA CYS A 285 21.42 -5.74 -10.93
C CYS A 285 21.69 -4.33 -11.44
N PHE A 286 22.95 -4.06 -11.83
CA PHE A 286 23.30 -2.74 -12.34
C PHE A 286 22.42 -2.34 -13.51
N LYS A 287 22.28 -3.23 -14.50
CA LYS A 287 21.45 -2.95 -15.67
C LYS A 287 20.00 -2.68 -15.27
N LYS A 288 19.42 -3.53 -14.41
CA LYS A 288 18.01 -3.37 -14.04
C LYS A 288 17.78 -2.07 -13.28
N PHE A 289 18.68 -1.76 -12.34
CA PHE A 289 18.55 -0.52 -11.57
C PHE A 289 18.69 0.69 -12.49
N ALA A 290 19.72 0.68 -13.36
CA ALA A 290 19.96 1.80 -14.25
C ALA A 290 18.79 2.02 -15.20
N GLU A 291 18.29 0.94 -15.82
CA GLU A 291 17.16 1.05 -16.73
C GLU A 291 15.93 1.62 -16.03
N THR A 292 15.68 1.17 -14.80
CA THR A 292 14.52 1.67 -14.05
C THR A 292 14.66 3.17 -13.82
N ALA A 293 15.82 3.60 -13.32
CA ALA A 293 16.03 5.03 -13.06
C ALA A 293 15.94 5.84 -14.36
N MET A 294 16.47 5.31 -15.46
CA MET A 294 16.39 5.97 -16.76
C MET A 294 14.94 6.20 -17.16
N LYS A 295 14.11 5.16 -17.04
CA LYS A 295 12.71 5.29 -17.42
C LYS A 295 11.98 6.29 -16.53
N CYS A 296 12.32 6.34 -15.24
CA CYS A 296 11.71 7.34 -14.36
C CYS A 296 11.90 8.77 -14.86
N VAL A 297 13.06 9.09 -15.44
CA VAL A 297 13.37 10.48 -15.75
C VAL A 297 13.18 10.80 -17.22
N LEU A 298 12.37 10.02 -17.93
CA LEU A 298 12.05 10.34 -19.32
C LEU A 298 11.34 11.68 -19.41
N ASP A 299 11.48 12.33 -20.57
CA ASP A 299 10.97 13.68 -20.79
C ASP A 299 9.48 13.78 -20.53
N GLN A 300 8.76 12.72 -20.80
CA GLN A 300 7.33 12.77 -21.03
C GLN A 300 6.68 11.86 -19.99
N GLY A 301 5.87 12.43 -19.09
CA GLY A 301 5.36 11.64 -17.98
C GLY A 301 4.63 10.40 -18.46
N ILE A 302 3.94 10.48 -19.59
CA ILE A 302 3.17 9.35 -20.08
C ILE A 302 4.05 8.15 -20.41
N GLU A 303 5.35 8.36 -20.71
CA GLU A 303 6.22 7.22 -20.95
C GLU A 303 6.90 6.68 -19.69
N ARG A 304 6.77 7.36 -18.55
CA ARG A 304 7.40 6.91 -17.32
C ARG A 304 6.61 5.75 -16.73
N PRO A 305 7.27 4.87 -15.97
CA PRO A 305 6.55 3.77 -15.32
C PRO A 305 5.72 4.28 -14.15
N SER A 306 4.74 3.47 -13.75
CA SER A 306 4.07 3.71 -12.48
C SER A 306 5.02 3.40 -11.32
N MET A 307 4.72 3.94 -10.12
CA MET A 307 5.53 3.56 -8.97
C MET A 307 5.43 2.08 -8.63
N GLY A 308 4.30 1.43 -8.90
CA GLY A 308 4.23 -0.01 -8.66
C GLY A 308 5.21 -0.75 -9.55
N ASP A 309 5.36 -0.28 -10.79
CA ASP A 309 6.30 -0.88 -11.72
C ASP A 309 7.74 -0.62 -11.25
N VAL A 310 8.02 0.61 -10.82
CA VAL A 310 9.33 0.94 -10.26
C VAL A 310 9.66 0.04 -9.06
N LEU A 311 8.72 -0.06 -8.12
CA LEU A 311 8.90 -0.88 -6.93
C LEU A 311 9.22 -2.33 -7.29
N TRP A 312 8.43 -2.91 -8.19
CA TRP A 312 8.67 -4.30 -8.62
C TRP A 312 10.06 -4.45 -9.25
N ASN A 313 10.45 -3.48 -10.09
CA ASN A 313 11.77 -3.60 -10.71
C ASN A 313 12.91 -3.43 -9.71
N LEU A 314 12.71 -2.62 -8.66
CA LEU A 314 13.75 -2.52 -7.63
C LEU A 314 13.85 -3.82 -6.83
N GLU A 315 12.70 -4.43 -6.51
CA GLU A 315 12.74 -5.72 -5.82
C GLU A 315 13.42 -6.78 -6.68
N PHE A 316 13.14 -6.76 -7.98
CA PHE A 316 13.79 -7.64 -8.94
C PHE A 316 15.29 -7.38 -8.98
N ALA A 317 15.69 -6.10 -9.00
CA ALA A 317 17.11 -5.76 -8.98
C ALA A 317 17.80 -6.33 -7.72
N LEU A 318 17.14 -6.26 -6.57
CA LEU A 318 17.73 -6.82 -5.34
C LEU A 318 17.91 -8.35 -5.45
N GLN A 319 16.90 -9.03 -6.01
CA GLN A 319 17.05 -10.47 -6.27
C GLN A 319 18.21 -10.76 -7.22
N LEU A 320 18.36 -9.95 -8.27
CA LEU A 320 19.48 -10.11 -9.21
C LEU A 320 20.82 -9.74 -8.59
N GLN A 321 20.83 -8.96 -7.51
CA GLN A 321 22.08 -8.74 -6.79
C GLN A 321 22.47 -10.01 -6.06
N GLU A 322 21.49 -10.86 -5.79
CA GLU A 322 21.81 -12.06 -5.02
C GLU A 322 22.14 -13.27 -5.88
N SER A 323 21.47 -13.40 -7.01
CA SER A 323 21.72 -14.45 -7.98
C SER A 323 22.87 -14.08 -8.92
N CYS B 28 -10.85 5.16 16.97
CA CYS B 28 -12.00 4.46 16.42
C CYS B 28 -13.30 4.95 17.05
N ARG B 29 -14.32 5.17 16.22
CA ARG B 29 -15.56 5.82 16.65
C ARG B 29 -16.43 4.89 17.48
N HIS B 30 -17.06 5.45 18.52
CA HIS B 30 -17.92 4.72 19.44
C HIS B 30 -19.36 5.09 19.15
N PHE B 31 -20.20 4.09 18.88
CA PHE B 31 -21.62 4.34 18.68
C PHE B 31 -22.40 3.93 19.92
N SER B 32 -23.44 4.69 20.24
CA SER B 32 -24.37 4.27 21.28
C SER B 32 -25.41 3.35 20.68
N PHE B 33 -26.09 2.59 21.55
CA PHE B 33 -27.14 1.72 21.04
C PHE B 33 -28.28 2.51 20.40
N ALA B 34 -28.53 3.73 20.89
CA ALA B 34 -29.57 4.55 20.29
C ALA B 34 -29.21 4.95 18.87
N GLU B 35 -27.94 5.26 18.61
CA GLU B 35 -27.52 5.61 17.26
C GLU B 35 -27.77 4.48 16.28
N ILE B 36 -27.41 3.24 16.66
CA ILE B 36 -27.56 2.11 15.75
C ILE B 36 -29.02 1.75 15.58
N LYS B 37 -29.79 1.77 16.67
CA LYS B 37 -31.22 1.55 16.57
C LYS B 37 -31.85 2.56 15.61
N ALA B 38 -31.37 3.81 15.64
CA ALA B 38 -31.91 4.83 14.75
C ALA B 38 -31.42 4.63 13.31
N ALA B 39 -30.15 4.27 13.13
CA ALA B 39 -29.58 4.12 11.81
C ALA B 39 -30.23 2.99 11.03
N THR B 40 -30.76 2.00 11.75
CA THR B 40 -31.31 0.78 11.15
C THR B 40 -32.83 0.78 11.14
N LYS B 41 -33.46 1.87 11.56
CA LYS B 41 -34.88 1.87 11.93
C LYS B 41 -35.19 0.67 12.80
N ASN B 42 -34.51 0.61 13.94
CA ASN B 42 -34.73 -0.41 14.98
C ASN B 42 -34.61 -1.83 14.42
N PHE B 43 -33.56 -2.05 13.64
CA PHE B 43 -33.27 -3.36 13.04
C PHE B 43 -34.46 -3.88 12.27
N ASP B 44 -35.17 -2.99 11.59
CA ASP B 44 -36.21 -3.35 10.64
C ASP B 44 -35.71 -4.47 9.73
N GLU B 45 -36.58 -5.45 9.47
CA GLU B 45 -36.19 -6.61 8.67
C GLU B 45 -36.12 -6.32 7.18
N SER B 46 -36.71 -5.22 6.71
CA SER B 46 -36.55 -4.80 5.32
C SER B 46 -35.18 -4.18 5.06
N ARG B 47 -34.36 -4.02 6.09
CA ARG B 47 -33.00 -3.53 5.95
C ARG B 47 -31.97 -4.63 6.13
N VAL B 48 -32.41 -5.86 6.37
CA VAL B 48 -31.50 -6.99 6.51
C VAL B 48 -30.81 -7.25 5.18
N LEU B 49 -29.50 -7.08 5.15
CA LEU B 49 -28.71 -7.40 3.97
C LEU B 49 -28.29 -8.86 3.95
N GLY B 50 -28.10 -9.44 5.14
CA GLY B 50 -27.71 -10.84 5.20
C GLY B 50 -27.85 -11.38 6.60
N VAL B 51 -27.89 -12.70 6.69
CA VAL B 51 -28.14 -13.39 7.96
C VAL B 51 -27.32 -14.69 7.99
N GLY B 52 -26.73 -14.96 9.14
CA GLY B 52 -25.96 -16.19 9.28
C GLY B 52 -25.36 -16.31 10.65
N GLY B 53 -24.41 -17.23 10.78
CA GLY B 53 -23.76 -17.47 12.06
C GLY B 53 -22.99 -16.28 12.57
N PHE B 54 -22.49 -15.43 11.66
CA PHE B 54 -21.86 -14.18 12.10
C PHE B 54 -22.83 -13.33 12.89
N GLY B 55 -24.13 -13.37 12.54
CA GLY B 55 -25.14 -12.50 13.12
C GLY B 55 -26.09 -12.03 12.03
N LYS B 56 -26.45 -10.76 12.04
CA LYS B 56 -27.23 -10.27 10.91
C LYS B 56 -26.65 -8.93 10.50
N VAL B 57 -26.66 -8.68 9.19
CA VAL B 57 -26.14 -7.45 8.61
C VAL B 57 -27.29 -6.62 8.02
N TYR B 58 -27.33 -5.34 8.39
CA TYR B 58 -28.39 -4.40 8.07
C TYR B 58 -27.83 -3.22 7.27
N ARG B 59 -28.63 -2.69 6.35
CA ARG B 59 -28.32 -1.41 5.73
C ARG B 59 -28.75 -0.27 6.64
N GLY B 60 -27.91 0.77 6.76
CA GLY B 60 -28.22 1.89 7.62
C GLY B 60 -27.65 3.19 7.11
N GLU B 61 -27.94 4.27 7.83
CA GLU B 61 -27.48 5.61 7.51
C GLU B 61 -27.06 6.31 8.78
N ILE B 62 -25.99 7.09 8.71
CA ILE B 62 -25.50 7.84 9.87
C ILE B 62 -25.13 9.27 9.47
N ASP B 63 -25.01 10.11 10.50
CA ASP B 63 -24.62 11.52 10.42
C ASP B 63 -25.63 12.32 9.59
N GLY B 64 -26.82 12.46 10.14
CA GLY B 64 -27.87 13.18 9.45
C GLY B 64 -28.24 12.60 8.11
N GLY B 65 -28.03 11.29 7.93
CA GLY B 65 -28.30 10.66 6.67
C GLY B 65 -27.32 11.03 5.57
N THR B 66 -26.06 11.31 5.92
CA THR B 66 -25.09 11.64 4.88
C THR B 66 -24.15 10.50 4.52
N THR B 67 -24.10 9.45 5.36
CA THR B 67 -23.15 8.36 5.18
C THR B 67 -23.89 7.05 5.32
N LYS B 68 -23.97 6.32 4.24
CA LYS B 68 -24.65 5.03 4.24
C LYS B 68 -23.68 3.98 4.75
N VAL B 69 -24.19 3.01 5.51
CA VAL B 69 -23.34 2.06 6.22
C VAL B 69 -23.99 0.69 6.19
N ALA B 70 -23.20 -0.32 6.53
CA ALA B 70 -23.66 -1.67 6.79
C ALA B 70 -23.32 -2.00 8.22
N ILE B 71 -24.27 -2.60 8.94
CA ILE B 71 -24.16 -2.75 10.38
C ILE B 71 -24.32 -4.23 10.70
N LYS B 72 -23.29 -4.81 11.27
CA LYS B 72 -23.26 -6.21 11.63
C LYS B 72 -23.54 -6.31 13.12
N ARG B 73 -24.66 -6.94 13.47
CA ARG B 73 -25.04 -7.19 14.85
C ARG B 73 -24.71 -8.65 15.13
N GLY B 74 -23.71 -8.87 16.00
CA GLY B 74 -23.22 -10.20 16.30
C GLY B 74 -23.73 -10.73 17.63
N ASN B 75 -23.33 -11.97 17.91
CA ASN B 75 -23.80 -12.69 19.10
C ASN B 75 -22.75 -12.59 20.21
N PRO B 76 -22.98 -11.82 21.27
CA PRO B 76 -21.96 -11.65 22.31
C PRO B 76 -21.77 -12.87 23.21
N MET B 77 -22.59 -13.90 23.08
CA MET B 77 -22.45 -15.10 23.89
C MET B 77 -21.47 -16.11 23.31
N SER B 78 -21.18 -16.02 22.01
CA SER B 78 -20.21 -16.90 21.39
C SER B 78 -18.79 -16.45 21.75
N GLU B 79 -17.98 -17.39 22.23
CA GLU B 79 -16.60 -17.07 22.62
C GLU B 79 -15.78 -16.60 21.42
N GLN B 80 -15.85 -17.35 20.32
CA GLN B 80 -15.14 -16.96 19.10
C GLN B 80 -15.72 -15.71 18.48
N GLY B 81 -17.04 -15.51 18.61
CA GLY B 81 -17.63 -14.27 18.13
C GLY B 81 -17.02 -13.05 18.79
N VAL B 82 -16.81 -13.13 20.11
CA VAL B 82 -16.16 -12.04 20.83
C VAL B 82 -14.70 -11.91 20.41
N HIS B 83 -13.99 -13.03 20.26
CA HIS B 83 -12.61 -12.95 19.79
C HIS B 83 -12.51 -12.24 18.44
N GLU B 84 -13.35 -12.63 17.49
CA GLU B 84 -13.29 -12.05 16.15
C GLU B 84 -13.72 -10.59 16.16
N PHE B 85 -14.71 -10.25 16.99
CA PHE B 85 -15.08 -8.84 17.17
C PHE B 85 -13.88 -8.02 17.64
N GLN B 86 -13.21 -8.48 18.69
CA GLN B 86 -12.05 -7.75 19.21
C GLN B 86 -10.94 -7.66 18.17
N THR B 87 -10.72 -8.73 17.40
CA THR B 87 -9.63 -8.72 16.42
C THR B 87 -9.91 -7.73 15.29
N GLU B 88 -11.14 -7.76 14.73
CA GLU B 88 -11.48 -6.77 13.70
C GLU B 88 -11.24 -5.36 14.21
N ILE B 89 -11.72 -5.07 15.43
CA ILE B 89 -11.46 -3.74 15.99
C ILE B 89 -9.97 -3.47 16.12
N GLU B 90 -9.17 -4.42 16.63
CA GLU B 90 -7.73 -4.20 16.77
C GLU B 90 -7.17 -3.65 15.48
N MET B 91 -7.36 -4.47 14.45
CA MET B 91 -6.66 -4.37 13.19
C MET B 91 -7.14 -3.15 12.42
N LEU B 92 -8.44 -3.10 12.18
CA LEU B 92 -8.98 -2.07 11.31
C LEU B 92 -8.87 -0.67 11.88
N SER B 93 -8.70 -0.54 13.20
CA SER B 93 -8.56 0.81 13.75
C SER B 93 -7.22 1.43 13.36
N LYS B 94 -6.24 0.65 12.94
CA LYS B 94 -4.93 1.24 12.69
C LYS B 94 -4.60 1.28 11.19
N LEU B 95 -5.40 0.65 10.35
CA LEU B 95 -5.13 0.47 8.92
C LEU B 95 -5.96 1.46 8.11
N ARG B 96 -5.42 1.90 6.98
CA ARG B 96 -6.13 2.80 6.07
C ARG B 96 -5.66 2.44 4.67
N HIS B 97 -6.55 1.86 3.88
CA HIS B 97 -6.21 1.55 2.50
C HIS B 97 -7.49 1.52 1.67
N ARG B 98 -7.38 2.05 0.45
CA ARG B 98 -8.51 2.10 -0.48
C ARG B 98 -9.15 0.73 -0.71
N HIS B 99 -8.37 -0.35 -0.64
CA HIS B 99 -8.88 -1.69 -0.98
C HIS B 99 -9.08 -2.55 0.26
N LEU B 100 -9.34 -1.92 1.39
CA LEU B 100 -9.82 -2.58 2.59
C LEU B 100 -11.15 -1.95 2.95
N VAL B 101 -12.13 -2.78 3.35
CA VAL B 101 -13.40 -2.26 3.83
C VAL B 101 -13.13 -1.43 5.08
N SER B 102 -13.69 -0.22 5.15
CA SER B 102 -13.42 0.64 6.29
C SER B 102 -14.33 0.29 7.45
N LEU B 103 -13.75 0.18 8.65
CA LEU B 103 -14.48 0.11 9.91
C LEU B 103 -14.76 1.53 10.41
N ILE B 104 -16.01 1.98 10.27
CA ILE B 104 -16.39 3.32 10.74
C ILE B 104 -16.44 3.37 12.27
N GLY B 105 -16.90 2.30 12.91
CA GLY B 105 -16.98 2.29 14.36
C GLY B 105 -17.62 1.03 14.87
N TYR B 106 -17.73 0.97 16.21
CA TYR B 106 -18.30 -0.19 16.89
C TYR B 106 -19.16 0.27 18.06
N CYS B 107 -19.89 -0.69 18.64
CA CYS B 107 -20.74 -0.45 19.80
C CYS B 107 -20.82 -1.72 20.63
N GLU B 108 -20.39 -1.64 21.88
CA GLU B 108 -20.47 -2.77 22.80
C GLU B 108 -21.25 -2.44 24.06
N GLU B 109 -22.17 -1.47 23.98
CA GLU B 109 -23.10 -1.18 25.05
C GLU B 109 -24.29 -2.13 24.99
N ASN B 110 -25.04 -2.18 26.10
CA ASN B 110 -26.27 -2.96 26.19
C ASN B 110 -26.02 -4.44 25.91
N CYS B 111 -24.86 -4.95 26.30
CA CYS B 111 -24.47 -6.33 26.02
C CYS B 111 -24.55 -6.65 24.53
N GLU B 112 -24.37 -5.65 23.67
CA GLU B 112 -24.36 -5.86 22.24
C GLU B 112 -22.92 -5.90 21.73
N MET B 113 -22.79 -6.16 20.43
CA MET B 113 -21.49 -6.40 19.82
C MET B 113 -21.65 -6.09 18.33
N ILE B 114 -21.50 -4.80 17.99
CA ILE B 114 -21.96 -4.25 16.73
C ILE B 114 -20.80 -3.55 16.01
N LEU B 115 -20.68 -3.81 14.71
CA LEU B 115 -19.67 -3.16 13.90
C LEU B 115 -20.33 -2.42 12.74
N VAL B 116 -19.79 -1.24 12.40
CA VAL B 116 -20.36 -0.35 11.39
C VAL B 116 -19.32 -0.20 10.29
N TYR B 117 -19.72 -0.43 9.04
CA TYR B 117 -18.83 -0.45 7.89
C TYR B 117 -19.35 0.49 6.81
N ASP B 118 -18.43 1.03 6.02
CA ASP B 118 -18.84 1.56 4.74
C ASP B 118 -19.66 0.54 3.98
N TYR B 119 -20.68 1.07 3.31
CA TYR B 119 -21.61 0.28 2.53
C TYR B 119 -20.95 -0.16 1.22
N MET B 120 -21.05 -1.44 0.89
CA MET B 120 -20.47 -2.03 -0.31
C MET B 120 -21.64 -2.45 -1.19
N ALA B 121 -22.08 -1.51 -2.05
CA ALA B 121 -23.38 -1.62 -2.69
C ALA B 121 -23.52 -2.84 -3.59
N HIS B 122 -22.41 -3.39 -4.11
CA HIS B 122 -22.53 -4.54 -4.99
C HIS B 122 -22.21 -5.86 -4.31
N GLY B 123 -22.07 -5.87 -2.97
CA GLY B 123 -22.01 -7.12 -2.24
C GLY B 123 -20.71 -7.87 -2.48
N THR B 124 -20.78 -9.20 -2.49
CA THR B 124 -19.56 -10.01 -2.56
C THR B 124 -19.15 -10.22 -4.01
N MET B 125 -17.86 -10.46 -4.20
CA MET B 125 -17.41 -10.85 -5.54
C MET B 125 -18.01 -12.19 -5.95
N ARG B 126 -18.20 -13.11 -5.00
CA ARG B 126 -18.75 -14.42 -5.34
C ARG B 126 -20.15 -14.31 -5.95
N GLU B 127 -21.01 -13.42 -5.42
CA GLU B 127 -22.37 -13.39 -5.96
C GLU B 127 -22.46 -12.77 -7.35
N HIS B 128 -21.33 -12.33 -7.92
CA HIS B 128 -21.29 -11.90 -9.31
C HIS B 128 -20.59 -12.91 -10.20
N LEU B 129 -20.16 -14.06 -9.67
CA LEU B 129 -19.46 -15.08 -10.43
C LEU B 129 -20.34 -16.28 -10.76
N TYR B 130 -21.17 -16.73 -9.82
CA TYR B 130 -21.93 -17.96 -10.07
C TYR B 130 -23.01 -18.10 -9.00
N LYS B 131 -23.97 -18.99 -9.26
CA LYS B 131 -25.08 -19.29 -8.36
C LYS B 131 -25.86 -18.02 -8.01
N THR B 132 -26.17 -17.26 -9.05
CA THR B 132 -26.67 -15.90 -8.91
C THR B 132 -27.53 -15.56 -10.11
N GLN B 133 -28.42 -14.60 -9.91
CA GLN B 133 -29.16 -13.99 -11.01
C GLN B 133 -28.43 -12.78 -11.58
N ASN B 134 -27.29 -12.40 -11.01
CA ASN B 134 -26.56 -11.23 -11.47
C ASN B 134 -25.91 -11.52 -12.82
N PRO B 135 -25.83 -10.52 -13.71
CA PRO B 135 -25.14 -10.71 -14.98
C PRO B 135 -23.67 -11.01 -14.78
N SER B 136 -23.06 -11.65 -15.77
CA SER B 136 -21.65 -11.99 -15.69
C SER B 136 -20.80 -10.73 -15.81
N LEU B 137 -19.64 -10.78 -15.19
CA LEU B 137 -18.73 -9.64 -15.16
C LEU B 137 -17.85 -9.64 -16.40
N PRO B 138 -17.70 -8.49 -17.07
CA PRO B 138 -16.75 -8.41 -18.19
C PRO B 138 -15.34 -8.71 -17.72
N TRP B 139 -14.51 -9.18 -18.66
CA TRP B 139 -13.20 -9.69 -18.29
C TRP B 139 -12.33 -8.60 -17.68
N LYS B 140 -12.28 -7.40 -18.29
CA LYS B 140 -11.45 -6.34 -17.71
C LYS B 140 -11.92 -5.99 -16.31
N GLN B 141 -13.23 -6.01 -16.08
CA GLN B 141 -13.76 -5.71 -14.75
C GLN B 141 -13.31 -6.75 -13.73
N ARG B 142 -13.29 -8.04 -14.11
CA ARG B 142 -12.78 -9.07 -13.19
C ARG B 142 -11.31 -8.88 -12.90
N LEU B 143 -10.51 -8.57 -13.92
CA LEU B 143 -9.10 -8.27 -13.68
C LEU B 143 -8.93 -7.08 -12.74
N GLU B 144 -9.69 -6.00 -12.95
CA GLU B 144 -9.55 -4.84 -12.08
C GLU B 144 -9.95 -5.18 -10.65
N ILE B 145 -10.95 -6.05 -10.49
CA ILE B 145 -11.35 -6.50 -9.14
C ILE B 145 -10.22 -7.31 -8.49
N CYS B 146 -9.61 -8.21 -9.25
CA CYS B 146 -8.49 -8.99 -8.71
C CYS B 146 -7.31 -8.10 -8.35
N ILE B 147 -7.03 -7.11 -9.21
CA ILE B 147 -5.95 -6.18 -8.92
C ILE B 147 -6.22 -5.41 -7.64
N GLY B 148 -7.46 -4.95 -7.47
CA GLY B 148 -7.78 -4.19 -6.25
C GLY B 148 -7.63 -5.03 -5.00
N ALA B 149 -8.14 -6.27 -5.04
CA ALA B 149 -7.95 -7.15 -3.89
C ALA B 149 -6.47 -7.43 -3.64
N ALA B 150 -5.69 -7.61 -4.72
CA ALA B 150 -4.26 -7.81 -4.58
C ALA B 150 -3.58 -6.61 -3.92
N ARG B 151 -4.02 -5.39 -4.27
CA ARG B 151 -3.46 -4.20 -3.65
C ARG B 151 -3.76 -4.17 -2.16
N GLY B 152 -4.96 -4.59 -1.78
CA GLY B 152 -5.29 -4.64 -0.35
C GLY B 152 -4.45 -5.65 0.41
N LEU B 153 -4.27 -6.84 -0.17
CA LEU B 153 -3.44 -7.87 0.47
C LEU B 153 -1.98 -7.44 0.53
N HIS B 154 -1.46 -6.87 -0.56
CA HIS B 154 -0.11 -6.33 -0.58
C HIS B 154 0.08 -5.32 0.55
N TYR B 155 -0.90 -4.44 0.76
CA TYR B 155 -0.84 -3.51 1.89
C TYR B 155 -0.77 -4.25 3.22
N LEU B 156 -1.63 -5.26 3.42
CA LEU B 156 -1.53 -6.04 4.66
C LEU B 156 -0.13 -6.61 4.86
N HIS B 157 0.49 -7.10 3.78
CA HIS B 157 1.76 -7.79 3.93
C HIS B 157 2.95 -6.84 4.08
N THR B 158 2.87 -5.62 3.53
CA THR B 158 4.02 -4.72 3.52
C THR B 158 3.74 -3.33 4.09
N GLY B 159 2.49 -2.98 4.40
CA GLY B 159 2.16 -1.60 4.74
C GLY B 159 1.85 -1.36 6.21
N ALA B 160 1.49 -2.40 6.93
CA ALA B 160 1.26 -2.25 8.36
C ALA B 160 2.59 -2.36 9.10
N LYS B 161 2.57 -1.93 10.37
CA LYS B 161 3.77 -2.00 11.20
C LYS B 161 4.47 -3.35 11.08
N HIS B 162 3.72 -4.44 11.30
CA HIS B 162 4.19 -5.79 11.05
C HIS B 162 3.30 -6.45 10.01
N THR B 163 3.83 -7.50 9.39
CA THR B 163 3.04 -8.31 8.46
C THR B 163 1.72 -8.75 9.10
N ILE B 164 0.63 -8.51 8.39
CA ILE B 164 -0.69 -9.02 8.77
C ILE B 164 -1.06 -10.12 7.80
N ILE B 165 -1.37 -11.29 8.33
CA ILE B 165 -1.84 -12.42 7.53
C ILE B 165 -3.35 -12.43 7.64
N HIS B 166 -4.05 -12.31 6.51
CA HIS B 166 -5.50 -12.22 6.58
C HIS B 166 -6.09 -13.53 7.11
N ARG B 167 -5.61 -14.66 6.60
CA ARG B 167 -5.94 -16.03 6.96
C ARG B 167 -7.27 -16.53 6.37
N ASP B 168 -8.11 -15.68 5.79
CA ASP B 168 -9.37 -16.21 5.25
C ASP B 168 -9.74 -15.51 3.95
N VAL B 169 -8.78 -15.43 3.03
CA VAL B 169 -9.04 -14.82 1.72
C VAL B 169 -9.96 -15.76 0.94
N LYS B 170 -11.06 -15.22 0.41
CA LYS B 170 -12.00 -15.98 -0.40
C LYS B 170 -12.95 -14.99 -1.07
N THR B 171 -13.75 -15.49 -2.02
CA THR B 171 -14.55 -14.58 -2.84
C THR B 171 -15.71 -13.98 -2.08
N THR B 172 -16.12 -14.55 -0.94
CA THR B 172 -17.11 -13.88 -0.11
C THR B 172 -16.49 -12.82 0.80
N ASN B 173 -15.16 -12.75 0.90
CA ASN B 173 -14.48 -11.73 1.70
C ASN B 173 -13.84 -10.66 0.83
N ILE B 174 -14.28 -10.54 -0.40
CA ILE B 174 -13.93 -9.44 -1.28
C ILE B 174 -15.25 -8.79 -1.62
N LEU B 175 -15.45 -7.57 -1.15
CA LEU B 175 -16.70 -6.86 -1.38
C LEU B 175 -16.50 -5.80 -2.46
N LEU B 176 -17.61 -5.39 -3.08
CA LEU B 176 -17.59 -4.49 -4.23
C LEU B 176 -18.45 -3.26 -3.93
N ASP B 177 -17.88 -2.06 -4.07
CA ASP B 177 -18.68 -0.88 -3.77
C ASP B 177 -19.47 -0.44 -5.01
N GLU B 178 -20.15 0.69 -4.88
CA GLU B 178 -21.03 1.19 -5.95
C GLU B 178 -20.26 1.44 -7.24
N LYS B 179 -18.97 1.74 -7.16
CA LYS B 179 -18.13 1.91 -8.34
C LYS B 179 -17.37 0.65 -8.71
N TRP B 180 -17.77 -0.49 -8.15
CA TRP B 180 -17.16 -1.80 -8.38
C TRP B 180 -15.71 -1.87 -7.90
N VAL B 181 -15.32 -0.98 -6.99
CA VAL B 181 -13.99 -1.06 -6.39
C VAL B 181 -13.98 -2.23 -5.41
N ALA B 182 -12.96 -3.09 -5.52
CA ALA B 182 -12.87 -4.28 -4.69
C ALA B 182 -12.14 -3.98 -3.38
N LYS B 183 -12.66 -4.54 -2.29
CA LYS B 183 -12.12 -4.26 -0.96
C LYS B 183 -12.15 -5.53 -0.13
N VAL B 184 -11.05 -5.82 0.55
CA VAL B 184 -10.93 -7.02 1.37
C VAL B 184 -11.66 -6.78 2.69
N SER B 185 -12.44 -7.77 3.13
CA SER B 185 -13.18 -7.66 4.39
C SER B 185 -12.86 -8.83 5.31
N ASP B 186 -13.44 -8.79 6.52
CA ASP B 186 -13.44 -9.90 7.48
C ASP B 186 -12.08 -10.26 8.05
N PHE B 187 -11.64 -9.46 9.01
CA PHE B 187 -10.36 -9.62 9.65
C PHE B 187 -10.47 -10.40 10.96
N GLY B 188 -11.61 -11.06 11.19
CA GLY B 188 -11.82 -11.76 12.45
C GLY B 188 -10.81 -12.86 12.74
N LEU B 189 -10.23 -13.46 11.70
CA LEU B 189 -9.24 -14.52 11.88
C LEU B 189 -7.82 -14.06 11.60
N SER B 190 -7.60 -12.77 11.33
CA SER B 190 -6.28 -12.30 10.92
C SER B 190 -5.30 -12.32 12.10
N LYS B 191 -4.01 -12.39 11.76
CA LYS B 191 -2.94 -12.50 12.75
C LYS B 191 -1.73 -11.69 12.30
N THR B 192 -0.96 -11.21 13.27
CA THR B 192 0.29 -10.50 12.99
C THR B 192 1.45 -11.49 12.90
N GLY B 193 2.26 -11.35 11.86
CA GLY B 193 3.34 -12.29 11.62
C GLY B 193 4.71 -11.66 11.47
N LYS B 206 -19.50 -18.97 1.82
CA LYS B 206 -18.18 -18.50 2.26
C LYS B 206 -17.30 -19.67 2.72
N GLY B 207 -17.41 -20.80 2.04
CA GLY B 207 -16.75 -22.02 2.51
C GLY B 207 -15.25 -21.90 2.37
N SER B 208 -14.53 -22.09 3.48
CA SER B 208 -13.08 -21.86 3.44
C SER B 208 -12.27 -23.12 3.14
N PHE B 209 -12.89 -24.31 3.13
CA PHE B 209 -12.15 -25.54 2.83
C PHE B 209 -11.34 -25.42 1.54
N GLY B 210 -11.99 -24.98 0.46
CA GLY B 210 -11.31 -24.88 -0.84
C GLY B 210 -10.17 -23.87 -0.91
N TYR B 211 -10.02 -23.02 0.10
CA TYR B 211 -8.97 -22.01 0.09
C TYR B 211 -7.84 -22.30 1.06
N LEU B 212 -7.95 -23.35 1.87
CA LEU B 212 -6.99 -23.60 2.93
C LEU B 212 -5.65 -24.06 2.35
N ASP B 213 -4.59 -23.38 2.77
CA ASP B 213 -3.24 -23.75 2.40
C ASP B 213 -2.96 -25.19 2.86
N PRO B 214 -2.69 -26.13 1.96
CA PRO B 214 -2.41 -27.51 2.42
C PRO B 214 -1.19 -27.59 3.32
N GLU B 215 -0.27 -26.64 3.24
CA GLU B 215 0.95 -26.72 4.00
C GLU B 215 0.64 -26.48 5.48
N TYR B 216 -0.51 -25.86 5.77
CA TYR B 216 -1.02 -25.73 7.13
C TYR B 216 -1.30 -27.08 7.76
N PHE B 217 -1.74 -28.06 6.98
CA PHE B 217 -2.01 -29.37 7.56
C PHE B 217 -0.74 -30.15 7.80
N ARG B 218 0.40 -29.59 7.40
CA ARG B 218 1.67 -30.21 7.64
C ARG B 218 2.40 -29.49 8.77
N ARG B 219 1.63 -28.78 9.60
CA ARG B 219 2.03 -27.91 10.71
C ARG B 219 3.21 -27.01 10.39
N GLN B 220 3.28 -26.49 9.18
CA GLN B 220 4.38 -25.58 8.96
C GLN B 220 4.04 -24.24 9.59
N GLN B 221 5.07 -23.43 9.85
CA GLN B 221 4.84 -22.10 10.40
C GLN B 221 4.07 -21.25 9.39
N LEU B 222 2.95 -20.70 9.86
CA LEU B 222 2.05 -19.92 9.02
C LEU B 222 2.73 -18.65 8.53
N THR B 223 2.53 -18.30 7.26
CA THR B 223 3.11 -17.10 6.73
C THR B 223 2.11 -16.40 5.81
N GLU B 224 2.51 -15.23 5.34
CA GLU B 224 1.72 -14.51 4.35
C GLU B 224 1.58 -15.30 3.05
N LYS B 225 2.45 -16.29 2.81
CA LYS B 225 2.26 -17.12 1.63
C LYS B 225 0.98 -17.95 1.68
N SER B 226 0.39 -18.13 2.87
CA SER B 226 -0.92 -18.78 2.89
C SER B 226 -1.98 -17.89 2.26
N ASP B 227 -1.87 -16.57 2.47
CA ASP B 227 -2.75 -15.65 1.77
C ASP B 227 -2.53 -15.74 0.26
N VAL B 228 -1.27 -15.87 -0.15
CA VAL B 228 -1.02 -15.95 -1.57
C VAL B 228 -1.75 -17.17 -2.13
N TYR B 229 -1.68 -18.29 -1.40
CA TYR B 229 -2.31 -19.51 -1.89
C TYR B 229 -3.81 -19.29 -2.05
N SER B 230 -4.44 -18.73 -1.00
CA SER B 230 -5.88 -18.54 -1.08
C SER B 230 -6.22 -17.59 -2.21
N PHE B 231 -5.37 -16.58 -2.41
CA PHE B 231 -5.66 -15.62 -3.47
C PHE B 231 -5.56 -16.28 -4.83
N GLY B 232 -4.62 -17.22 -4.96
CA GLY B 232 -4.53 -17.97 -6.21
C GLY B 232 -5.84 -18.68 -6.52
N VAL B 233 -6.50 -19.22 -5.48
CA VAL B 233 -7.76 -19.90 -5.71
C VAL B 233 -8.80 -18.91 -6.19
N VAL B 234 -8.80 -17.70 -5.60
CA VAL B 234 -9.69 -16.64 -6.05
C VAL B 234 -9.46 -16.34 -7.53
N LEU B 235 -8.20 -16.26 -7.95
CA LEU B 235 -7.95 -15.98 -9.37
C LEU B 235 -8.59 -17.04 -10.23
N PHE B 236 -8.43 -18.32 -9.86
CA PHE B 236 -9.04 -19.37 -10.66
C PHE B 236 -10.56 -19.30 -10.62
N GLU B 237 -11.15 -18.92 -9.47
CA GLU B 237 -12.60 -18.74 -9.46
C GLU B 237 -13.02 -17.63 -10.38
N ALA B 238 -12.25 -16.56 -10.43
CA ALA B 238 -12.63 -15.45 -11.30
C ALA B 238 -12.60 -15.90 -12.76
N LEU B 239 -11.71 -16.83 -13.06
CA LEU B 239 -11.55 -17.28 -14.44
C LEU B 239 -12.59 -18.33 -14.80
N CYS B 240 -12.84 -19.26 -13.88
CA CYS B 240 -13.65 -20.43 -14.14
C CYS B 240 -15.10 -20.29 -13.69
N ALA B 241 -15.38 -19.36 -12.77
CA ALA B 241 -16.73 -19.12 -12.27
C ALA B 241 -17.38 -20.40 -11.76
N ARG B 242 -16.68 -21.09 -10.88
CA ARG B 242 -17.21 -22.22 -10.15
C ARG B 242 -16.62 -22.20 -8.74
N PRO B 243 -17.28 -22.87 -7.80
CA PRO B 243 -16.76 -22.87 -6.42
C PRO B 243 -15.34 -23.41 -6.34
N ALA B 244 -14.61 -22.93 -5.33
CA ALA B 244 -13.27 -23.45 -5.05
C ALA B 244 -13.30 -24.93 -4.70
N LEU B 245 -14.38 -25.38 -4.09
CA LEU B 245 -14.49 -26.76 -3.64
C LEU B 245 -15.90 -27.21 -4.00
N ASN B 246 -16.01 -28.22 -4.86
CA ASN B 246 -17.30 -28.80 -5.20
C ASN B 246 -17.25 -30.28 -4.84
N PRO B 247 -17.82 -30.65 -3.70
CA PRO B 247 -17.67 -32.02 -3.18
C PRO B 247 -18.45 -33.08 -3.95
N THR B 248 -19.24 -32.71 -4.95
CA THR B 248 -20.04 -33.66 -5.71
C THR B 248 -19.36 -34.14 -6.98
N LEU B 249 -18.23 -33.57 -7.36
CA LEU B 249 -17.66 -33.83 -8.67
C LEU B 249 -16.80 -35.09 -8.68
N ALA B 250 -16.42 -35.49 -9.89
CA ALA B 250 -15.34 -36.44 -10.09
C ALA B 250 -14.14 -36.03 -9.25
N LYS B 251 -13.46 -37.02 -8.67
CA LYS B 251 -12.51 -36.74 -7.59
C LYS B 251 -11.43 -35.75 -8.02
N GLU B 252 -11.00 -35.79 -9.29
CA GLU B 252 -9.92 -34.90 -9.69
C GLU B 252 -10.39 -33.46 -9.89
N GLN B 253 -11.70 -33.21 -9.96
CA GLN B 253 -12.23 -31.88 -10.16
C GLN B 253 -12.73 -31.23 -8.87
N VAL B 254 -12.74 -31.96 -7.75
CA VAL B 254 -13.35 -31.43 -6.52
C VAL B 254 -12.69 -30.11 -6.12
N SER B 255 -11.36 -30.09 -6.04
CA SER B 255 -10.63 -28.90 -5.62
C SER B 255 -10.17 -28.09 -6.83
N LEU B 256 -10.63 -26.85 -6.94
CA LEU B 256 -10.23 -26.02 -8.07
C LEU B 256 -8.73 -25.76 -8.06
N ALA B 257 -8.13 -25.64 -6.86
CA ALA B 257 -6.69 -25.40 -6.79
C ALA B 257 -5.87 -26.55 -7.38
N GLU B 258 -6.43 -27.76 -7.42
CA GLU B 258 -5.76 -28.89 -8.04
C GLU B 258 -6.16 -29.06 -9.50
N TRP B 259 -7.45 -28.88 -9.77
CA TRP B 259 -8.04 -29.13 -11.09
C TRP B 259 -7.55 -28.13 -12.13
N ALA B 260 -7.53 -26.84 -11.78
CA ALA B 260 -7.20 -25.85 -12.82
C ALA B 260 -5.73 -25.95 -13.25
N PRO B 261 -4.76 -26.07 -12.34
CA PRO B 261 -3.37 -26.29 -12.80
C PRO B 261 -3.23 -27.57 -13.61
N TYR B 262 -3.92 -28.62 -13.22
CA TYR B 262 -3.90 -29.85 -13.98
C TYR B 262 -4.34 -29.61 -15.41
N CYS B 263 -5.46 -28.91 -15.59
CA CYS B 263 -5.96 -28.62 -16.93
C CYS B 263 -4.97 -27.76 -17.72
N TYR B 264 -4.42 -26.73 -17.08
CA TYR B 264 -3.41 -25.90 -17.74
C TYR B 264 -2.27 -26.75 -18.28
N LYS B 265 -1.67 -27.60 -17.42
CA LYS B 265 -0.53 -28.40 -17.86
C LYS B 265 -0.90 -29.41 -18.94
N LYS B 266 -2.16 -29.82 -19.01
CA LYS B 266 -2.63 -30.70 -20.06
C LYS B 266 -3.04 -29.92 -21.31
N GLY B 267 -2.90 -28.59 -21.29
CA GLY B 267 -3.28 -27.77 -22.42
C GLY B 267 -4.76 -27.55 -22.58
N MET B 268 -5.56 -27.73 -21.52
CA MET B 268 -7.01 -27.65 -21.68
C MET B 268 -7.65 -26.70 -20.66
N LEU B 269 -6.89 -25.75 -20.11
CA LEU B 269 -7.51 -24.79 -19.19
C LEU B 269 -8.65 -24.04 -19.86
N ASP B 270 -8.53 -23.76 -21.17
CA ASP B 270 -9.56 -22.96 -21.81
C ASP B 270 -10.89 -23.68 -21.92
N GLN B 271 -10.91 -25.00 -21.66
CA GLN B 271 -12.15 -25.76 -21.66
C GLN B 271 -12.94 -25.61 -20.35
N ILE B 272 -12.33 -25.15 -19.27
CA ILE B 272 -13.05 -24.98 -18.00
C ILE B 272 -13.19 -23.51 -17.61
N VAL B 273 -12.83 -22.60 -18.51
CA VAL B 273 -13.06 -21.17 -18.33
C VAL B 273 -14.56 -20.87 -18.36
N ASP B 274 -14.97 -19.84 -17.60
CA ASP B 274 -16.34 -19.35 -17.62
C ASP B 274 -16.81 -19.19 -19.07
N PRO B 275 -17.94 -19.79 -19.46
CA PRO B 275 -18.39 -19.68 -20.87
C PRO B 275 -18.51 -18.24 -21.36
N TYR B 276 -18.91 -17.32 -20.48
CA TYR B 276 -19.00 -15.92 -20.89
C TYR B 276 -17.67 -15.36 -21.37
N LEU B 277 -16.56 -15.89 -20.86
CA LEU B 277 -15.23 -15.38 -21.18
C LEU B 277 -14.63 -16.01 -22.43
N LYS B 278 -15.26 -17.05 -22.97
CA LYS B 278 -14.67 -17.77 -24.10
C LYS B 278 -14.41 -16.82 -25.26
N GLY B 279 -13.17 -16.83 -25.74
CA GLY B 279 -12.78 -15.98 -26.85
C GLY B 279 -12.59 -14.52 -26.51
N LYS B 280 -12.76 -14.11 -25.25
CA LYS B 280 -12.60 -12.71 -24.89
C LYS B 280 -11.24 -12.37 -24.30
N ILE B 281 -10.42 -13.35 -23.95
CA ILE B 281 -9.13 -13.07 -23.31
C ILE B 281 -8.05 -13.20 -24.36
N THR B 282 -7.16 -12.21 -24.47
CA THR B 282 -6.07 -12.33 -25.43
C THR B 282 -5.13 -13.45 -25.00
N PRO B 283 -4.45 -14.08 -25.96
CA PRO B 283 -3.55 -15.20 -25.60
C PRO B 283 -2.48 -14.83 -24.58
N GLU B 284 -1.89 -13.65 -24.74
CA GLU B 284 -0.83 -13.22 -23.84
C GLU B 284 -1.38 -12.93 -22.45
N CYS B 285 -2.57 -12.32 -22.38
CA CYS B 285 -3.21 -12.10 -21.08
C CYS B 285 -3.55 -13.43 -20.41
N PHE B 286 -4.14 -14.34 -21.18
CA PHE B 286 -4.52 -15.65 -20.66
C PHE B 286 -3.32 -16.35 -20.06
N LYS B 287 -2.23 -16.41 -20.81
CA LYS B 287 -1.02 -17.06 -20.33
C LYS B 287 -0.48 -16.40 -19.06
N LYS B 288 -0.38 -15.07 -19.04
CA LYS B 288 0.16 -14.38 -17.87
C LYS B 288 -0.71 -14.66 -16.64
N PHE B 289 -2.02 -14.51 -16.79
CA PHE B 289 -2.95 -14.71 -15.68
C PHE B 289 -2.88 -16.15 -15.16
N ALA B 290 -2.88 -17.13 -16.07
CA ALA B 290 -2.88 -18.53 -15.65
C ALA B 290 -1.56 -18.89 -14.98
N GLU B 291 -0.43 -18.40 -15.51
CA GLU B 291 0.86 -18.67 -14.88
C GLU B 291 0.92 -18.08 -13.49
N THR B 292 0.37 -16.88 -13.32
CA THR B 292 0.39 -16.26 -12.00
C THR B 292 -0.42 -17.06 -11.01
N ALA B 293 -1.65 -17.41 -11.39
CA ALA B 293 -2.51 -18.19 -10.50
C ALA B 293 -1.86 -19.52 -10.17
N MET B 294 -1.18 -20.14 -11.14
CA MET B 294 -0.61 -21.45 -10.88
C MET B 294 0.56 -21.36 -9.91
N LYS B 295 1.37 -20.31 -10.01
CA LYS B 295 2.44 -20.13 -9.03
C LYS B 295 1.87 -19.90 -7.65
N CYS B 296 0.75 -19.20 -7.56
CA CYS B 296 0.15 -18.95 -6.23
C CYS B 296 -0.20 -20.24 -5.50
N VAL B 297 -0.65 -21.27 -6.21
CA VAL B 297 -1.18 -22.47 -5.55
C VAL B 297 -0.15 -23.61 -5.52
N LEU B 298 1.13 -23.30 -5.67
CA LEU B 298 2.16 -24.33 -5.47
C LEU B 298 2.09 -24.91 -4.07
N ASP B 299 2.54 -26.16 -3.93
CA ASP B 299 2.35 -26.90 -2.68
C ASP B 299 3.13 -26.31 -1.52
N GLN B 300 4.29 -25.71 -1.80
CA GLN B 300 5.18 -25.24 -0.75
C GLN B 300 5.23 -23.72 -0.77
N GLY B 301 4.93 -23.09 0.36
CA GLY B 301 4.79 -21.64 0.40
C GLY B 301 6.04 -20.91 -0.06
N ILE B 302 7.22 -21.46 0.25
CA ILE B 302 8.47 -20.78 -0.08
C ILE B 302 8.67 -20.65 -1.58
N GLU B 303 7.99 -21.47 -2.37
CA GLU B 303 8.03 -21.39 -3.83
C GLU B 303 7.02 -20.41 -4.40
N ARG B 304 6.07 -19.94 -3.60
CA ARG B 304 5.01 -19.06 -4.08
C ARG B 304 5.54 -17.62 -4.20
N PRO B 305 4.95 -16.82 -5.07
CA PRO B 305 5.37 -15.42 -5.21
C PRO B 305 4.87 -14.60 -4.03
N SER B 306 5.49 -13.44 -3.84
CA SER B 306 4.93 -12.47 -2.91
C SER B 306 3.68 -11.86 -3.52
N MET B 307 2.83 -11.24 -2.68
CA MET B 307 1.66 -10.54 -3.23
C MET B 307 2.06 -9.36 -4.10
N GLY B 308 3.20 -8.71 -3.86
CA GLY B 308 3.63 -7.64 -4.75
C GLY B 308 3.94 -8.14 -6.16
N ASP B 309 4.57 -9.31 -6.23
CA ASP B 309 4.81 -9.99 -7.51
C ASP B 309 3.51 -10.36 -8.22
N VAL B 310 2.56 -10.93 -7.47
CA VAL B 310 1.24 -11.26 -8.04
C VAL B 310 0.57 -10.00 -8.58
N LEU B 311 0.54 -8.94 -7.76
CA LEU B 311 -0.07 -7.68 -8.17
C LEU B 311 0.54 -7.17 -9.47
N TRP B 312 1.86 -7.10 -9.52
CA TRP B 312 2.50 -6.59 -10.73
C TRP B 312 2.15 -7.45 -11.94
N ASN B 313 2.14 -8.78 -11.76
CA ASN B 313 1.82 -9.63 -12.90
C ASN B 313 0.36 -9.52 -13.33
N LEU B 314 -0.55 -9.21 -12.40
CA LEU B 314 -1.94 -8.96 -12.79
C LEU B 314 -2.08 -7.64 -13.55
N GLU B 315 -1.37 -6.60 -13.10
CA GLU B 315 -1.39 -5.35 -13.86
C GLU B 315 -0.80 -5.57 -15.26
N PHE B 316 0.24 -6.37 -15.35
CA PHE B 316 0.85 -6.70 -16.64
C PHE B 316 -0.13 -7.48 -17.52
N ALA B 317 -0.85 -8.44 -16.93
CA ALA B 317 -1.89 -9.17 -17.66
C ALA B 317 -2.94 -8.21 -18.22
N LEU B 318 -3.37 -7.24 -17.42
CA LEU B 318 -4.35 -6.28 -17.90
C LEU B 318 -3.79 -5.47 -19.06
N GLN B 319 -2.53 -5.05 -18.98
CA GLN B 319 -1.92 -4.33 -20.09
C GLN B 319 -1.83 -5.21 -21.33
N LEU B 320 -1.58 -6.50 -21.15
CA LEU B 320 -1.50 -7.45 -22.26
C LEU B 320 -2.86 -7.73 -22.86
N GLN B 321 -3.93 -7.50 -22.10
CA GLN B 321 -5.28 -7.58 -22.64
C GLN B 321 -5.59 -6.33 -23.46
N GLU B 322 -5.16 -5.17 -22.95
CA GLU B 322 -5.52 -3.87 -23.55
C GLU B 322 -4.67 -3.53 -24.77
N SER B 323 -3.42 -3.99 -24.83
CA SER B 323 -2.54 -3.59 -25.93
C SER B 323 -2.91 -4.32 -27.22
N ALA B 324 -3.30 -5.59 -27.14
CA ALA B 324 -3.74 -6.30 -28.34
C ALA B 324 -5.23 -6.17 -28.59
N GLU B 325 -6.02 -6.00 -27.52
CA GLU B 325 -7.48 -5.93 -27.58
C GLU B 325 -8.09 -7.24 -28.07
#